data_4K4F
#
_entry.id   4K4F
#
_cell.length_a   41.687
_cell.length_b   78.121
_cell.length_c   146.644
_cell.angle_alpha   90
_cell.angle_beta   90
_cell.angle_gamma   90
#
_symmetry.space_group_name_H-M   'P 21 21 21'
#
loop_
_entity.id
_entity.type
_entity.pdbx_description
1 polymer Tankyrase-1
2 non-polymer 'ZINC ION'
3 non-polymer 4-[(4S)-5,5-dimethyl-2-oxo-4-phenyl-1,3-oxazolidin-3-yl]-N-(quinolin-8-yl)benzamide
#
_entity_poly.entity_id   1
_entity_poly.type   'polypeptide(L)'
_entity_poly.pdbx_seq_one_letter_code
;QGTILLDLAPEDKEYQSVEEEMQSTIREHRDGGNAGGIFNRYNVIRIQKVVNKKLRERFCHRQKEVSEENHNHHNERMLF
HGSPFINAIIHKGFDERHAYIGGMFGAGIYFAENSSKSNQYVYGIGGGTGCPTHKDRSCYICHRQMLFCRVTLGKSFLQF
STMKMAHAPPGHHSVIGRPSVNGLAYAEYVIYRGEQAYPEYLITYQIMKPEHHHHHH
;
_entity_poly.pdbx_strand_id   A,B
#
# COMPACT_ATOMS: atom_id res chain seq x y z
N GLN A 1 12.72 -31.38 15.99
CA GLN A 1 11.31 -31.52 15.48
C GLN A 1 10.44 -30.42 16.06
N GLY A 2 10.96 -29.68 17.01
CA GLY A 2 10.12 -28.68 17.57
C GLY A 2 10.67 -27.31 17.35
N THR A 3 10.44 -26.50 18.35
CA THR A 3 10.92 -25.17 18.32
C THR A 3 11.97 -25.19 19.36
N ILE A 4 13.06 -24.54 19.03
CA ILE A 4 14.16 -24.42 19.92
C ILE A 4 14.15 -22.93 20.12
N LEU A 5 14.20 -22.50 21.37
CA LEU A 5 14.20 -21.09 21.66
C LEU A 5 15.60 -20.68 22.06
N LEU A 6 16.24 -19.87 21.23
CA LEU A 6 17.59 -19.42 21.49
C LEU A 6 17.55 -18.05 22.16
N ASP A 7 18.21 -17.93 23.30
CA ASP A 7 18.29 -16.67 24.04
C ASP A 7 19.32 -15.75 23.44
N LEU A 8 18.96 -14.49 23.27
CA LEU A 8 19.90 -13.56 22.73
C LEU A 8 20.47 -12.83 23.93
N ALA A 9 21.78 -12.63 23.95
CA ALA A 9 22.37 -11.90 25.04
C ALA A 9 22.16 -10.42 24.74
N PRO A 10 21.78 -9.66 25.77
CA PRO A 10 21.51 -8.22 25.76
C PRO A 10 22.63 -7.47 25.11
N GLU A 11 23.84 -7.96 25.30
CA GLU A 11 24.97 -7.29 24.71
C GLU A 11 25.07 -7.45 23.20
N ASP A 12 24.20 -8.26 22.59
CA ASP A 12 24.25 -8.43 21.14
C ASP A 12 23.49 -7.34 20.39
N LYS A 13 24.00 -6.97 19.21
CA LYS A 13 23.34 -5.96 18.40
C LYS A 13 21.90 -6.39 18.15
N GLU A 14 21.70 -7.68 17.87
CA GLU A 14 20.36 -8.19 17.57
C GLU A 14 19.36 -7.97 18.70
N TYR A 15 19.80 -8.23 19.92
CA TYR A 15 18.92 -8.06 21.07
C TYR A 15 18.67 -6.59 21.26
N GLN A 16 19.68 -5.77 21.01
CA GLN A 16 19.53 -4.34 21.16
C GLN A 16 18.65 -3.83 20.06
N SER A 17 18.79 -4.44 18.90
CA SER A 17 18.03 -4.04 17.73
C SER A 17 16.54 -4.24 17.97
N VAL A 18 16.17 -5.42 18.48
CA VAL A 18 14.77 -5.76 18.73
C VAL A 18 14.14 -4.93 19.83
N GLU A 19 14.87 -4.69 20.91
CA GLU A 19 14.30 -3.92 21.99
C GLU A 19 14.16 -2.47 21.62
N GLU A 20 15.00 -1.99 20.71
CA GLU A 20 14.87 -0.59 20.35
C GLU A 20 13.60 -0.42 19.53
N GLU A 21 13.37 -1.29 18.56
CA GLU A 21 12.14 -1.13 17.79
C GLU A 21 10.94 -1.25 18.72
N MET A 22 11.03 -2.10 19.75
CA MET A 22 9.93 -2.25 20.67
C MET A 22 9.67 -0.96 21.44
N GLN A 23 10.67 -0.55 22.21
CA GLN A 23 10.63 0.66 23.03
C GLN A 23 10.31 1.95 22.31
N SER A 24 10.85 2.13 21.10
CA SER A 24 10.61 3.36 20.35
C SER A 24 9.29 3.45 19.60
N THR A 25 8.66 2.32 19.30
CA THR A 25 7.41 2.39 18.55
C THR A 25 6.19 2.57 19.44
N ILE A 26 6.43 2.88 20.71
CA ILE A 26 5.35 3.10 21.69
C ILE A 26 4.70 4.45 21.47
N ARG A 27 3.41 4.52 21.68
CA ARG A 27 2.78 5.80 21.55
C ARG A 27 1.58 5.85 22.41
N GLU A 28 0.92 6.99 22.43
CA GLU A 28 -0.18 7.07 23.32
C GLU A 28 -1.46 6.98 22.46
N HIS A 29 -2.30 6.07 22.89
CA HIS A 29 -3.50 5.81 22.16
C HIS A 29 -4.61 6.58 22.81
N ARG A 30 -5.70 6.65 22.08
CA ARG A 30 -6.88 7.35 22.53
C ARG A 30 -7.54 6.61 23.71
N ASP A 31 -7.26 5.32 23.80
CA ASP A 31 -7.81 4.48 24.88
C ASP A 31 -7.77 5.06 26.29
N GLY A 32 -6.79 5.91 26.57
CA GLY A 32 -6.66 6.42 27.93
C GLY A 32 -5.85 5.36 28.67
N GLY A 33 -5.34 4.39 27.90
CA GLY A 33 -4.57 3.30 28.47
C GLY A 33 -5.40 2.13 28.98
N ASN A 34 -6.68 2.14 28.68
CA ASN A 34 -7.59 1.10 29.14
C ASN A 34 -7.30 -0.33 28.67
N ALA A 35 -6.91 -0.52 27.41
CA ALA A 35 -6.65 -1.86 26.91
C ALA A 35 -5.28 -2.46 27.28
N GLY A 36 -4.21 -1.74 26.97
CA GLY A 36 -2.87 -2.26 27.23
C GLY A 36 -2.15 -1.79 28.49
N GLY A 37 -2.77 -0.87 29.21
CA GLY A 37 -2.15 -0.38 30.44
C GLY A 37 -1.55 0.99 30.30
N ILE A 38 -1.27 1.62 31.44
CA ILE A 38 -0.68 2.95 31.45
C ILE A 38 0.82 2.84 31.61
N PHE A 39 1.56 3.27 30.61
CA PHE A 39 3.01 3.16 30.67
C PHE A 39 3.66 3.89 29.52
N ASN A 40 4.91 4.26 29.70
CA ASN A 40 5.59 4.89 28.61
C ASN A 40 6.88 4.13 28.38
N ARG A 41 6.92 2.89 28.87
CA ARG A 41 8.08 2.05 28.72
C ARG A 41 7.86 0.58 29.09
N TYR A 42 8.76 -0.26 28.62
CA TYR A 42 8.70 -1.68 28.88
C TYR A 42 9.94 -2.12 29.60
N ASN A 43 9.82 -3.13 30.43
CA ASN A 43 10.97 -3.69 31.07
C ASN A 43 11.12 -4.97 30.27
N VAL A 44 12.16 -5.05 29.45
CA VAL A 44 12.38 -6.23 28.65
C VAL A 44 13.17 -7.22 29.47
N ILE A 45 12.53 -8.35 29.72
CA ILE A 45 13.06 -9.45 30.53
C ILE A 45 13.79 -10.52 29.73
N ARG A 46 13.35 -10.73 28.49
CA ARG A 46 13.92 -11.78 27.68
C ARG A 46 13.56 -11.64 26.19
N ILE A 47 14.47 -12.07 25.33
CA ILE A 47 14.24 -12.03 23.89
C ILE A 47 14.82 -13.31 23.34
N GLN A 48 13.97 -14.15 22.79
CA GLN A 48 14.39 -15.41 22.23
C GLN A 48 14.09 -15.56 20.75
N LYS A 49 15.03 -16.18 20.05
CA LYS A 49 14.93 -16.45 18.63
C LYS A 49 14.17 -17.75 18.47
N VAL A 50 13.05 -17.72 17.75
CA VAL A 50 12.28 -18.93 17.54
C VAL A 50 12.81 -19.71 16.35
N VAL A 51 13.17 -20.97 16.58
CA VAL A 51 13.71 -21.78 15.49
C VAL A 51 12.88 -23.03 15.30
N ASN A 52 12.30 -23.15 14.12
CA ASN A 52 11.48 -24.29 13.76
C ASN A 52 11.70 -24.51 12.28
N LYS A 53 12.31 -25.63 11.95
CA LYS A 53 12.65 -25.99 10.57
C LYS A 53 11.43 -25.98 9.65
N LYS A 54 10.38 -26.69 10.07
CA LYS A 54 9.16 -26.75 9.30
C LYS A 54 8.57 -25.37 9.12
N LEU A 55 8.42 -24.63 10.22
CA LEU A 55 7.84 -23.29 10.15
C LEU A 55 8.51 -22.40 9.11
N ARG A 56 9.82 -22.48 9.00
CA ARG A 56 10.50 -21.63 8.04
C ARG A 56 10.47 -22.16 6.61
N GLU A 57 10.00 -23.39 6.44
CA GLU A 57 9.90 -23.93 5.10
C GLU A 57 8.53 -23.50 4.64
N ARG A 58 7.52 -23.77 5.46
CA ARG A 58 6.18 -23.35 5.12
C ARG A 58 6.29 -21.87 4.73
N PHE A 59 6.93 -21.10 5.61
CA PHE A 59 7.11 -19.67 5.42
C PHE A 59 7.84 -19.32 4.14
N CYS A 60 8.90 -20.05 3.85
CA CYS A 60 9.66 -19.76 2.65
C CYS A 60 8.92 -20.20 1.40
N HIS A 61 8.17 -21.30 1.49
CA HIS A 61 7.45 -21.74 0.33
C HIS A 61 6.39 -20.72 -0.03
N ARG A 62 5.62 -20.27 0.95
CA ARG A 62 4.57 -19.30 0.66
C ARG A 62 5.18 -18.03 0.13
N GLN A 63 6.35 -17.68 0.62
CA GLN A 63 7.02 -16.46 0.18
C GLN A 63 7.47 -16.54 -1.28
N LYS A 64 7.65 -17.75 -1.79
CA LYS A 64 8.05 -17.86 -3.19
C LYS A 64 6.80 -17.74 -4.04
N GLU A 65 5.70 -18.28 -3.54
CA GLU A 65 4.44 -18.21 -4.27
C GLU A 65 4.02 -16.75 -4.45
N VAL A 66 4.21 -15.93 -3.41
CA VAL A 66 3.85 -14.52 -3.43
C VAL A 66 4.76 -13.71 -4.35
N SER A 67 6.05 -14.02 -4.35
CA SER A 67 6.98 -13.32 -5.24
C SER A 67 6.53 -13.62 -6.67
N GLU A 68 6.22 -14.89 -6.94
CA GLU A 68 5.77 -15.33 -8.26
C GLU A 68 4.64 -14.41 -8.69
N GLU A 69 3.72 -14.22 -7.76
CA GLU A 69 2.53 -13.40 -7.95
C GLU A 69 2.72 -11.91 -7.76
N ASN A 70 3.92 -11.46 -7.42
CA ASN A 70 4.04 -10.03 -7.20
C ASN A 70 5.10 -9.34 -8.00
N HIS A 71 5.53 -9.98 -9.07
CA HIS A 71 6.57 -9.41 -9.91
C HIS A 71 7.83 -9.50 -9.14
N ASN A 72 7.98 -10.68 -8.56
CA ASN A 72 9.13 -11.07 -7.78
C ASN A 72 9.53 -10.10 -6.67
N HIS A 73 8.56 -9.65 -5.90
CA HIS A 73 8.79 -8.78 -4.75
C HIS A 73 7.88 -9.44 -3.73
N HIS A 74 8.42 -9.90 -2.62
CA HIS A 74 7.58 -10.54 -1.62
C HIS A 74 7.15 -9.55 -0.54
N ASN A 75 7.79 -8.39 -0.53
CA ASN A 75 7.44 -7.30 0.40
C ASN A 75 7.44 -7.62 1.88
N GLU A 76 8.42 -8.38 2.36
CA GLU A 76 8.49 -8.75 3.77
C GLU A 76 8.75 -7.57 4.66
N ARG A 77 8.18 -7.60 5.85
CA ARG A 77 8.38 -6.53 6.81
C ARG A 77 8.37 -7.09 8.23
N MET A 78 9.06 -6.41 9.15
CA MET A 78 9.14 -6.85 10.53
C MET A 78 8.07 -6.15 11.33
N LEU A 79 7.05 -6.90 11.73
CA LEU A 79 5.96 -6.35 12.50
C LEU A 79 5.70 -7.07 13.81
N PHE A 80 5.03 -6.38 14.71
CA PHE A 80 4.70 -6.90 16.03
C PHE A 80 3.36 -7.61 16.05
N HIS A 81 3.23 -8.59 16.94
CA HIS A 81 2.00 -9.33 17.09
C HIS A 81 1.70 -9.58 18.55
N GLY A 82 0.43 -9.45 18.90
CA GLY A 82 0.03 -9.70 20.27
C GLY A 82 -1.31 -10.39 20.35
N SER A 83 -1.38 -11.47 21.12
CA SER A 83 -2.62 -12.20 21.28
C SER A 83 -2.40 -13.19 22.38
N PRO A 84 -3.49 -13.73 22.97
CA PRO A 84 -3.33 -14.69 24.07
C PRO A 84 -2.90 -16.10 23.65
N PHE A 85 -2.42 -16.28 22.43
CA PHE A 85 -2.07 -17.63 21.99
C PHE A 85 -0.62 -17.78 21.56
N ILE A 86 0.19 -16.84 21.97
CA ILE A 86 1.60 -16.81 21.66
C ILE A 86 2.31 -18.13 21.82
N ASN A 87 1.97 -18.89 22.85
CA ASN A 87 2.68 -20.13 23.01
C ASN A 87 2.27 -21.20 22.03
N ALA A 88 1.08 -21.08 21.47
CA ALA A 88 0.65 -22.04 20.48
C ALA A 88 1.36 -21.69 19.15
N ILE A 89 1.41 -20.39 18.86
CA ILE A 89 2.04 -19.87 17.66
C ILE A 89 3.52 -20.18 17.50
N ILE A 90 4.28 -20.21 18.59
CA ILE A 90 5.71 -20.47 18.46
C ILE A 90 6.00 -21.94 18.27
N HIS A 91 5.00 -22.78 18.53
CA HIS A 91 5.18 -24.20 18.36
C HIS A 91 4.49 -24.69 17.11
N LYS A 92 3.27 -24.23 16.86
CA LYS A 92 2.53 -24.68 15.69
C LYS A 92 2.49 -23.69 14.53
N GLY A 93 3.01 -22.48 14.75
CA GLY A 93 2.99 -21.47 13.69
C GLY A 93 1.68 -20.68 13.70
N PHE A 94 1.57 -19.67 12.85
CA PHE A 94 0.35 -18.86 12.78
C PHE A 94 -0.77 -19.65 12.10
N ASP A 95 -2.00 -19.52 12.61
CA ASP A 95 -3.12 -20.25 12.05
C ASP A 95 -4.38 -19.42 11.83
N GLU A 96 -4.78 -19.32 10.57
CA GLU A 96 -5.96 -18.54 10.16
C GLU A 96 -7.29 -19.14 10.61
N ARG A 97 -7.25 -20.40 11.04
CA ARG A 97 -8.45 -21.05 11.51
C ARG A 97 -8.86 -20.57 12.91
N HIS A 98 -7.98 -19.89 13.69
CA HIS A 98 -8.30 -19.45 15.07
C HIS A 98 -8.66 -17.97 15.02
N ALA A 99 -8.83 -17.50 13.81
CA ALA A 99 -9.01 -16.09 13.60
C ALA A 99 -10.43 -15.60 13.69
N TYR A 100 -10.73 -14.85 14.76
CA TYR A 100 -12.08 -14.32 15.05
C TYR A 100 -13.23 -14.35 14.03
N ILE A 101 -13.22 -13.31 13.16
CA ILE A 101 -14.10 -13.11 12.03
C ILE A 101 -15.07 -11.98 12.03
N GLY A 102 -15.29 -11.39 13.18
CA GLY A 102 -16.25 -10.32 13.19
C GLY A 102 -16.07 -9.33 14.32
N GLY A 103 -17.07 -8.49 14.52
CA GLY A 103 -17.00 -7.50 15.58
C GLY A 103 -16.34 -6.21 15.13
N MET A 104 -15.01 -6.22 15.04
CA MET A 104 -14.28 -5.02 14.65
C MET A 104 -13.19 -5.40 13.70
N PHE A 105 -12.96 -6.70 13.78
CA PHE A 105 -11.97 -7.43 13.05
C PHE A 105 -12.62 -8.47 12.19
N GLY A 106 -11.79 -9.28 11.61
CA GLY A 106 -12.34 -10.30 10.80
C GLY A 106 -11.18 -11.22 10.67
N ALA A 107 -11.51 -12.13 9.79
CA ALA A 107 -10.74 -13.22 9.23
C ALA A 107 -9.18 -13.25 9.27
N GLY A 108 -8.55 -12.28 9.88
CA GLY A 108 -7.14 -12.28 9.76
C GLY A 108 -6.40 -12.26 11.02
N ILE A 109 -5.13 -12.36 10.76
CA ILE A 109 -4.12 -12.33 11.73
C ILE A 109 -3.60 -10.91 11.61
N TYR A 110 -3.69 -10.16 12.71
CA TYR A 110 -3.27 -8.77 12.73
C TYR A 110 -1.86 -8.55 13.21
N PHE A 111 -1.23 -7.53 12.67
CA PHE A 111 0.14 -7.17 13.02
C PHE A 111 0.20 -5.65 13.11
N ALA A 112 1.20 -5.13 13.80
CA ALA A 112 1.32 -3.69 13.95
C ALA A 112 2.76 -3.31 13.93
N GLU A 113 3.04 -2.09 13.52
CA GLU A 113 4.42 -1.70 13.57
C GLU A 113 4.65 -0.96 14.88
N ASN A 114 3.57 -0.69 15.60
CA ASN A 114 3.66 -0.06 16.93
C ASN A 114 3.53 -1.19 17.97
N SER A 115 4.54 -1.34 18.81
CA SER A 115 4.51 -2.38 19.82
C SER A 115 3.45 -2.14 20.88
N SER A 116 3.10 -0.89 21.08
CA SER A 116 2.11 -0.54 22.11
C SER A 116 0.73 -0.91 21.66
N LYS A 117 0.57 -1.09 20.35
CA LYS A 117 -0.71 -1.48 19.77
C LYS A 117 -0.87 -3.01 19.91
N SER A 118 0.21 -3.73 19.69
CA SER A 118 0.21 -5.19 19.80
C SER A 118 0.05 -5.60 21.26
N ASN A 119 0.37 -4.68 22.16
CA ASN A 119 0.29 -4.93 23.60
C ASN A 119 -1.16 -4.91 24.06
N GLN A 120 -1.99 -4.12 23.38
CA GLN A 120 -3.40 -4.04 23.74
C GLN A 120 -4.06 -5.39 23.54
N TYR A 121 -3.56 -6.16 22.60
CA TYR A 121 -4.11 -7.48 22.28
C TYR A 121 -3.53 -8.70 23.00
N VAL A 122 -2.54 -8.47 23.84
CA VAL A 122 -1.90 -9.54 24.58
C VAL A 122 -2.85 -10.35 25.45
N TYR A 123 -3.81 -9.65 26.05
CA TYR A 123 -4.78 -10.28 26.93
C TYR A 123 -6.13 -10.44 26.28
N GLY A 124 -6.23 -10.08 25.01
CA GLY A 124 -7.48 -10.23 24.32
C GLY A 124 -7.94 -8.96 23.64
N ILE A 125 -9.07 -9.06 22.93
CA ILE A 125 -9.65 -7.93 22.24
C ILE A 125 -9.97 -6.86 23.28
N GLY A 126 -9.32 -5.69 23.14
CA GLY A 126 -9.56 -4.61 24.08
C GLY A 126 -8.79 -4.78 25.38
N GLY A 127 -8.13 -5.93 25.55
CA GLY A 127 -7.39 -6.15 26.77
C GLY A 127 -8.12 -7.23 27.54
N GLY A 128 -9.24 -7.68 26.99
CA GLY A 128 -9.98 -8.72 27.67
C GLY A 128 -10.30 -8.26 29.06
N THR A 129 -9.99 -9.08 30.04
CA THR A 129 -10.27 -8.75 31.43
C THR A 129 -8.98 -8.44 32.16
N GLY A 130 -7.88 -8.52 31.43
CA GLY A 130 -6.60 -8.25 32.02
C GLY A 130 -5.88 -9.54 32.32
N CYS A 131 -4.95 -9.48 33.26
CA CYS A 131 -4.15 -10.63 33.61
C CYS A 131 -4.95 -11.79 34.22
N PRO A 132 -4.48 -13.02 34.03
CA PRO A 132 -5.23 -14.13 34.62
C PRO A 132 -5.27 -13.97 36.13
N THR A 133 -4.16 -13.57 36.75
CA THR A 133 -4.28 -13.50 38.19
C THR A 133 -4.93 -12.28 38.85
N HIS A 134 -4.61 -11.05 38.46
CA HIS A 134 -5.26 -9.93 39.13
C HIS A 134 -6.34 -9.23 38.28
N LYS A 135 -6.72 -9.89 37.18
CA LYS A 135 -7.71 -9.36 36.25
C LYS A 135 -7.57 -7.86 36.17
N ASP A 136 -6.38 -7.47 35.77
CA ASP A 136 -5.98 -6.08 35.62
C ASP A 136 -5.35 -5.93 34.24
N ARG A 137 -5.86 -5.02 33.44
CA ARG A 137 -5.31 -4.80 32.11
C ARG A 137 -4.06 -3.95 32.17
N SER A 138 -3.79 -3.40 33.35
CA SER A 138 -2.59 -2.58 33.53
C SER A 138 -1.61 -3.17 34.53
N CYS A 139 -1.58 -4.49 34.67
CA CYS A 139 -0.67 -5.14 35.59
C CYS A 139 0.78 -4.81 35.27
N TYR A 140 1.57 -4.56 36.29
CA TYR A 140 2.99 -4.24 36.13
C TYR A 140 3.79 -5.42 36.71
N ILE A 141 3.04 -6.40 37.19
CA ILE A 141 3.58 -7.61 37.80
C ILE A 141 3.83 -8.70 36.77
N CYS A 142 2.75 -9.22 36.21
CA CYS A 142 2.82 -10.29 35.24
C CYS A 142 3.63 -10.04 33.97
N HIS A 143 4.29 -11.10 33.54
CA HIS A 143 5.12 -11.10 32.34
C HIS A 143 4.23 -11.33 31.13
N ARG A 144 4.23 -10.36 30.22
CA ARG A 144 3.47 -10.42 28.99
C ARG A 144 4.40 -10.95 27.92
N GLN A 145 3.83 -11.40 26.80
CA GLN A 145 4.61 -11.92 25.68
C GLN A 145 4.17 -11.32 24.35
N MET A 146 5.13 -11.08 23.47
CA MET A 146 4.79 -10.61 22.15
C MET A 146 5.82 -11.04 21.11
N LEU A 147 5.40 -11.06 19.86
CA LEU A 147 6.26 -11.49 18.78
C LEU A 147 6.62 -10.41 17.78
N PHE A 148 7.89 -10.42 17.39
CA PHE A 148 8.39 -9.50 16.38
C PHE A 148 8.59 -10.43 15.18
N CYS A 149 7.62 -10.43 14.27
CA CYS A 149 7.66 -11.34 13.13
C CYS A 149 8.00 -10.83 11.75
N ARG A 150 8.34 -11.80 10.91
CA ARG A 150 8.66 -11.58 9.52
C ARG A 150 7.30 -11.72 8.85
N VAL A 151 6.83 -10.70 8.17
CA VAL A 151 5.54 -10.88 7.54
C VAL A 151 5.63 -10.59 6.07
N THR A 152 5.27 -11.59 5.27
CA THR A 152 5.27 -11.43 3.83
C THR A 152 3.97 -10.74 3.42
N LEU A 153 4.07 -9.45 3.11
CA LEU A 153 2.88 -8.69 2.72
C LEU A 153 2.48 -8.85 1.25
N GLY A 154 3.46 -9.00 0.37
CA GLY A 154 3.14 -9.14 -1.04
C GLY A 154 2.52 -7.85 -1.54
N LYS A 155 1.45 -7.94 -2.32
CA LYS A 155 0.76 -6.76 -2.81
C LYS A 155 -0.31 -6.44 -1.77
N SER A 156 -0.20 -5.31 -1.09
CA SER A 156 -1.17 -4.97 -0.04
C SER A 156 -2.33 -4.16 -0.54
N PHE A 157 -3.53 -4.51 -0.10
CA PHE A 157 -4.69 -3.74 -0.49
C PHE A 157 -4.99 -2.74 0.62
N LEU A 158 -4.87 -1.45 0.30
CA LEU A 158 -5.09 -0.39 1.28
C LEU A 158 -6.50 0.14 1.44
N GLN A 159 -7.01 0.13 2.66
CA GLN A 159 -8.35 0.63 2.97
C GLN A 159 -8.52 1.14 4.42
N PHE A 160 -9.71 1.67 4.75
CA PHE A 160 -10.01 2.26 6.07
C PHE A 160 -10.54 1.38 7.25
N SER A 161 -11.36 0.35 6.97
CA SER A 161 -11.87 -0.54 8.03
C SER A 161 -11.45 -1.97 7.63
N THR A 162 -11.32 -2.88 8.60
CA THR A 162 -10.92 -4.22 8.24
C THR A 162 -12.07 -5.12 8.68
N MET A 163 -12.88 -4.76 9.63
CA MET A 163 -13.82 -5.76 10.15
C MET A 163 -14.59 -6.49 9.06
N LYS A 164 -14.89 -5.77 8.02
CA LYS A 164 -15.03 -6.30 6.67
C LYS A 164 -14.85 -7.76 6.42
N MET A 165 -13.72 -8.00 5.83
CA MET A 165 -13.40 -9.26 5.25
C MET A 165 -12.77 -10.57 5.86
N ALA A 166 -12.56 -11.56 4.99
CA ALA A 166 -12.03 -12.87 5.38
C ALA A 166 -10.93 -13.47 4.56
N HIS A 167 -10.61 -12.80 3.47
CA HIS A 167 -9.56 -13.23 2.62
C HIS A 167 -9.12 -11.90 2.04
N ALA A 168 -8.04 -11.88 1.23
CA ALA A 168 -7.53 -10.62 0.61
C ALA A 168 -8.19 -10.35 -0.76
N PRO A 169 -8.29 -9.07 -1.22
CA PRO A 169 -8.94 -8.88 -2.53
C PRO A 169 -8.15 -9.62 -3.63
N PRO A 170 -8.70 -9.72 -4.84
CA PRO A 170 -8.01 -10.42 -5.91
C PRO A 170 -6.70 -9.72 -6.30
N GLY A 171 -5.62 -10.47 -6.48
CA GLY A 171 -4.35 -9.88 -6.85
C GLY A 171 -3.55 -9.37 -5.67
N HIS A 172 -4.14 -9.36 -4.49
CA HIS A 172 -3.44 -8.89 -3.30
C HIS A 172 -3.17 -10.04 -2.33
N HIS A 173 -2.28 -9.79 -1.37
CA HIS A 173 -1.93 -10.82 -0.40
C HIS A 173 -2.03 -10.39 1.04
N SER A 174 -2.39 -9.13 1.23
CA SER A 174 -2.52 -8.58 2.57
C SER A 174 -3.40 -7.35 2.52
N VAL A 175 -3.83 -6.92 3.69
CA VAL A 175 -4.68 -5.77 3.82
C VAL A 175 -4.15 -4.85 4.89
N ILE A 176 -3.98 -3.58 4.52
CA ILE A 176 -3.51 -2.59 5.47
C ILE A 176 -4.68 -1.68 5.77
N GLY A 177 -5.17 -1.74 7.00
CA GLY A 177 -6.25 -0.86 7.39
C GLY A 177 -5.52 0.40 7.81
N ARG A 178 -5.88 1.54 7.26
CA ARG A 178 -5.17 2.74 7.63
C ARG A 178 -6.06 3.74 8.35
N PRO A 179 -5.49 4.86 8.82
CA PRO A 179 -6.23 5.87 9.58
C PRO A 179 -7.30 6.82 9.06
N SER A 180 -8.36 6.89 9.87
CA SER A 180 -9.54 7.72 9.67
C SER A 180 -9.81 8.54 10.96
N VAL A 181 -10.96 9.20 10.99
CA VAL A 181 -11.37 10.03 12.11
C VAL A 181 -12.56 9.43 12.91
N LEU A 184 -8.85 4.63 11.83
CA LEU A 184 -8.01 4.11 12.92
C LEU A 184 -7.08 5.24 13.37
N ALA A 185 -6.18 4.93 14.29
CA ALA A 185 -5.23 5.90 14.81
C ALA A 185 -3.85 5.52 14.30
N TYR A 186 -3.64 4.22 14.21
CA TYR A 186 -2.37 3.66 13.77
C TYR A 186 -2.69 2.59 12.73
N ALA A 187 -1.67 2.13 12.02
CA ALA A 187 -1.85 1.11 10.99
C ALA A 187 -1.95 -0.30 11.54
N GLU A 188 -2.60 -1.15 10.77
CA GLU A 188 -2.74 -2.55 11.15
C GLU A 188 -2.58 -3.37 9.88
N TYR A 189 -1.69 -4.35 9.94
CA TYR A 189 -1.41 -5.21 8.81
C TYR A 189 -2.06 -6.55 9.01
N VAL A 190 -2.90 -6.94 8.05
CA VAL A 190 -3.59 -8.21 8.17
C VAL A 190 -3.22 -9.18 7.06
N ILE A 191 -3.02 -10.43 7.42
CA ILE A 191 -2.74 -11.48 6.46
C ILE A 191 -3.82 -12.53 6.75
N TYR A 192 -4.20 -13.31 5.74
CA TYR A 192 -5.25 -14.30 5.90
C TYR A 192 -4.74 -15.72 5.77
N ARG A 193 -3.43 -15.86 5.77
CA ARG A 193 -2.78 -17.15 5.71
C ARG A 193 -1.70 -17.20 6.78
N GLY A 194 -1.70 -18.25 7.58
CA GLY A 194 -0.71 -18.36 8.64
C GLY A 194 0.74 -18.44 8.19
N GLU A 195 0.94 -19.03 7.01
CA GLU A 195 2.24 -19.23 6.42
C GLU A 195 2.94 -17.96 5.91
N GLN A 196 2.21 -16.83 5.88
CA GLN A 196 2.81 -15.57 5.44
C GLN A 196 3.52 -14.83 6.57
N ALA A 197 3.66 -15.47 7.71
CA ALA A 197 4.34 -14.84 8.85
C ALA A 197 5.10 -15.87 9.65
N TYR A 198 6.31 -15.49 10.03
CA TYR A 198 7.18 -16.35 10.81
C TYR A 198 7.50 -15.66 12.14
N PRO A 199 7.22 -16.33 13.28
CA PRO A 199 7.49 -15.75 14.60
C PRO A 199 8.98 -15.67 14.91
N GLU A 200 9.65 -14.67 14.35
CA GLU A 200 11.08 -14.49 14.54
C GLU A 200 11.57 -14.40 15.97
N TYR A 201 11.08 -13.42 16.72
CA TYR A 201 11.50 -13.20 18.10
C TYR A 201 10.38 -13.27 19.14
N LEU A 202 10.67 -13.91 20.27
CA LEU A 202 9.73 -14.02 21.38
C LEU A 202 10.17 -13.04 22.44
N ILE A 203 9.36 -11.99 22.66
CA ILE A 203 9.71 -10.99 23.66
C ILE A 203 8.89 -11.14 24.96
N THR A 204 9.61 -11.33 26.06
CA THR A 204 9.02 -11.48 27.39
C THR A 204 9.24 -10.13 28.07
N TYR A 205 8.16 -9.55 28.59
CA TYR A 205 8.28 -8.24 29.19
C TYR A 205 7.16 -7.82 30.11
N GLN A 206 7.36 -6.65 30.71
CA GLN A 206 6.39 -6.05 31.61
C GLN A 206 6.29 -4.61 31.17
N ILE A 207 5.14 -4.00 31.42
CA ILE A 207 4.98 -2.61 31.09
C ILE A 207 5.38 -1.96 32.38
N MET A 208 6.14 -0.87 32.28
CA MET A 208 6.53 -0.20 33.49
C MET A 208 5.60 0.89 33.86
N LYS A 209 5.59 1.09 35.16
CA LYS A 209 4.78 2.04 35.84
C LYS A 209 5.53 3.38 35.81
N PRO A 210 4.83 4.47 35.48
CA PRO A 210 5.47 5.79 35.42
C PRO A 210 6.13 6.27 36.72
N GLU A 211 7.30 6.89 36.57
CA GLU A 211 8.08 7.42 37.68
C GLU A 211 7.71 8.84 38.10
N HIS A 212 8.54 9.39 38.99
CA HIS A 212 8.39 10.76 39.49
C HIS A 212 9.27 11.04 40.69
N GLN B 1 19.24 14.87 -27.98
CA GLN B 1 18.87 15.71 -26.80
C GLN B 1 17.35 15.65 -26.57
N GLY B 2 16.60 15.16 -27.54
CA GLY B 2 15.17 15.15 -27.34
C GLY B 2 14.52 13.81 -27.05
N THR B 3 13.20 13.82 -27.18
CA THR B 3 12.37 12.66 -26.99
C THR B 3 12.24 12.06 -28.38
N ILE B 4 12.21 10.73 -28.44
CA ILE B 4 12.07 10.01 -29.69
C ILE B 4 10.83 9.19 -29.46
N LEU B 5 9.88 9.26 -30.38
CA LEU B 5 8.66 8.48 -30.21
C LEU B 5 8.80 7.26 -31.08
N LEU B 6 8.83 6.09 -30.45
CA LEU B 6 8.97 4.84 -31.18
C LEU B 6 7.60 4.20 -31.32
N ASP B 7 7.19 3.98 -32.57
CA ASP B 7 5.88 3.37 -32.87
C ASP B 7 5.89 1.87 -32.69
N LEU B 8 4.96 1.39 -31.88
CA LEU B 8 4.84 -0.04 -31.65
C LEU B 8 3.93 -0.64 -32.73
N ALA B 9 4.30 -1.81 -33.28
CA ALA B 9 3.49 -2.46 -34.30
C ALA B 9 2.26 -3.08 -33.65
N PRO B 10 1.10 -2.98 -34.30
CA PRO B 10 -0.11 -3.56 -33.70
C PRO B 10 -0.04 -5.05 -33.49
N GLU B 11 0.88 -5.71 -34.16
CA GLU B 11 1.00 -7.18 -34.02
C GLU B 11 1.97 -7.50 -32.92
N ASP B 12 2.57 -6.43 -32.43
CA ASP B 12 3.55 -6.39 -31.34
C ASP B 12 2.87 -6.68 -29.98
N LYS B 13 3.37 -7.68 -29.27
CA LYS B 13 2.81 -8.11 -27.97
C LYS B 13 2.62 -7.02 -26.91
N GLU B 14 3.49 -6.03 -26.93
CA GLU B 14 3.46 -4.93 -25.97
C GLU B 14 2.36 -3.94 -26.32
N TYR B 15 2.24 -3.68 -27.62
CA TYR B 15 1.21 -2.79 -28.14
C TYR B 15 -0.10 -3.38 -27.67
N GLN B 16 -0.22 -4.69 -27.84
CA GLN B 16 -1.41 -5.39 -27.46
C GLN B 16 -1.64 -5.28 -25.97
N SER B 17 -0.59 -5.53 -25.21
CA SER B 17 -0.69 -5.45 -23.75
C SER B 17 -1.28 -4.09 -23.35
N VAL B 18 -0.72 -3.02 -23.92
CA VAL B 18 -1.15 -1.65 -23.62
C VAL B 18 -2.58 -1.35 -24.04
N GLU B 19 -3.05 -1.95 -25.14
CA GLU B 19 -4.41 -1.66 -25.57
C GLU B 19 -5.40 -2.43 -24.72
N GLU B 20 -4.98 -3.60 -24.27
CA GLU B 20 -5.85 -4.42 -23.45
C GLU B 20 -6.13 -3.69 -22.15
N GLU B 21 -5.10 -3.15 -21.52
CA GLU B 21 -5.29 -2.44 -20.27
C GLU B 21 -6.10 -1.16 -20.42
N MET B 22 -6.09 -0.58 -21.61
CA MET B 22 -6.84 0.63 -21.84
C MET B 22 -8.29 0.23 -22.03
N GLN B 23 -8.50 -0.67 -22.99
CA GLN B 23 -9.85 -1.17 -23.33
C GLN B 23 -10.60 -1.86 -22.20
N SER B 24 -9.87 -2.55 -21.33
CA SER B 24 -10.49 -3.31 -20.24
C SER B 24 -10.71 -2.56 -18.94
N THR B 25 -10.13 -1.38 -18.80
CA THR B 25 -10.32 -0.62 -17.57
C THR B 25 -11.33 0.49 -17.77
N ILE B 26 -12.25 0.29 -18.70
CA ILE B 26 -13.29 1.27 -18.96
C ILE B 26 -14.40 0.93 -18.02
N ARG B 27 -15.13 1.93 -17.53
CA ARG B 27 -16.20 1.67 -16.59
C ARG B 27 -17.32 2.67 -16.68
N GLU B 28 -18.56 2.21 -16.48
CA GLU B 28 -19.72 3.10 -16.55
C GLU B 28 -19.63 4.06 -15.37
N HIS B 29 -19.88 5.33 -15.60
CA HIS B 29 -19.74 6.32 -14.52
C HIS B 29 -20.99 6.95 -13.89
N ARG B 30 -20.77 8.02 -13.13
CA ARG B 30 -21.86 8.68 -12.42
C ARG B 30 -22.38 9.84 -13.16
N ASP B 31 -21.62 10.21 -14.17
CA ASP B 31 -22.11 11.23 -15.06
C ASP B 31 -22.96 10.25 -15.84
N GLY B 32 -22.88 10.39 -17.13
CA GLY B 32 -23.60 9.53 -18.04
C GLY B 32 -22.94 10.21 -19.19
N GLY B 33 -21.63 10.00 -19.24
CA GLY B 33 -20.82 10.59 -20.28
C GLY B 33 -20.83 12.10 -20.34
N ASN B 34 -20.84 12.80 -19.21
CA ASN B 34 -20.85 14.26 -19.28
C ASN B 34 -19.43 14.77 -19.38
N ALA B 35 -18.51 14.12 -18.67
CA ALA B 35 -17.11 14.54 -18.66
C ALA B 35 -16.26 13.98 -19.79
N GLY B 36 -16.31 12.67 -19.98
CA GLY B 36 -15.53 12.01 -21.01
C GLY B 36 -16.30 11.47 -22.20
N GLY B 37 -17.62 11.54 -22.15
CA GLY B 37 -18.38 11.05 -23.27
C GLY B 37 -19.03 9.72 -23.07
N ILE B 38 -19.89 9.41 -24.02
CA ILE B 38 -20.67 8.20 -24.00
C ILE B 38 -20.10 7.24 -25.02
N PHE B 39 -19.51 6.17 -24.52
CA PHE B 39 -18.88 5.19 -25.37
C PHE B 39 -18.63 4.03 -24.48
N ASN B 40 -18.27 2.90 -25.06
CA ASN B 40 -17.89 1.80 -24.22
C ASN B 40 -16.69 1.07 -24.79
N ARG B 41 -15.99 1.77 -25.69
CA ARG B 41 -14.77 1.24 -26.28
C ARG B 41 -14.00 2.33 -27.03
N TYR B 42 -12.72 2.09 -27.24
CA TYR B 42 -11.87 3.08 -27.89
C TYR B 42 -11.41 2.62 -29.25
N ASN B 43 -10.96 3.57 -30.04
CA ASN B 43 -10.40 3.24 -31.33
C ASN B 43 -8.95 3.68 -31.19
N VAL B 44 -8.10 2.72 -30.85
CA VAL B 44 -6.69 2.99 -30.68
C VAL B 44 -6.08 3.18 -32.06
N ILE B 45 -5.57 4.38 -32.27
CA ILE B 45 -4.98 4.83 -33.52
C ILE B 45 -3.46 4.73 -33.57
N ARG B 46 -2.81 4.88 -32.43
CA ARG B 46 -1.36 4.86 -32.39
C ARG B 46 -0.85 4.74 -30.95
N ILE B 47 0.13 3.87 -30.75
CA ILE B 47 0.74 3.70 -29.45
C ILE B 47 2.25 3.83 -29.65
N GLN B 48 2.84 4.79 -28.97
CA GLN B 48 4.25 5.05 -29.10
C GLN B 48 4.99 5.02 -27.77
N LYS B 49 6.22 4.55 -27.82
CA LYS B 49 7.08 4.47 -26.64
C LYS B 49 7.84 5.77 -26.53
N VAL B 50 7.76 6.43 -25.37
CA VAL B 50 8.47 7.69 -25.24
C VAL B 50 9.88 7.49 -24.73
N VAL B 51 10.84 8.04 -25.46
CA VAL B 51 12.23 7.93 -25.08
C VAL B 51 12.88 9.29 -24.93
N ASN B 52 13.39 9.51 -23.73
CA ASN B 52 14.12 10.72 -23.34
C ASN B 52 15.04 10.08 -22.32
N LYS B 53 16.34 10.21 -22.53
CA LYS B 53 17.33 9.62 -21.65
C LYS B 53 17.50 10.46 -20.40
N LYS B 54 17.32 11.76 -20.55
CA LYS B 54 17.45 12.67 -19.43
C LYS B 54 16.29 12.42 -18.48
N LEU B 55 15.10 12.26 -19.04
CA LEU B 55 13.91 12.02 -18.24
C LEU B 55 13.88 10.67 -17.52
N ARG B 56 14.62 9.69 -18.03
CA ARG B 56 14.65 8.38 -17.40
C ARG B 56 15.73 8.32 -16.32
N GLU B 57 16.64 9.29 -16.36
CA GLU B 57 17.68 9.33 -15.37
C GLU B 57 17.02 9.87 -14.10
N ARG B 58 16.44 11.07 -14.22
CA ARG B 58 15.78 11.72 -13.09
C ARG B 58 14.85 10.72 -12.45
N PHE B 59 14.00 10.13 -13.28
CA PHE B 59 13.03 9.18 -12.79
C PHE B 59 13.71 8.12 -12.01
N CYS B 60 14.77 7.58 -12.57
CA CYS B 60 15.52 6.53 -11.89
C CYS B 60 16.31 7.03 -10.67
N HIS B 61 16.63 8.31 -10.62
CA HIS B 61 17.35 8.83 -9.47
C HIS B 61 16.37 8.95 -8.32
N ARG B 62 15.18 9.48 -8.62
CA ARG B 62 14.14 9.63 -7.61
C ARG B 62 13.65 8.27 -7.14
N GLN B 63 13.60 7.29 -8.04
CA GLN B 63 13.14 5.97 -7.67
C GLN B 63 14.07 5.36 -6.62
N LYS B 64 15.38 5.54 -6.81
CA LYS B 64 16.32 5.03 -5.83
C LYS B 64 16.03 5.71 -4.48
N GLU B 65 15.87 7.04 -4.51
CA GLU B 65 15.57 7.82 -3.31
C GLU B 65 14.36 7.29 -2.60
N VAL B 66 13.35 6.89 -3.36
CA VAL B 66 12.15 6.36 -2.73
C VAL B 66 12.36 4.96 -2.14
N SER B 67 13.15 4.12 -2.81
CA SER B 67 13.40 2.80 -2.28
C SER B 67 14.06 2.97 -0.91
N GLU B 68 15.17 3.71 -0.85
CA GLU B 68 15.86 3.94 0.42
C GLU B 68 14.90 4.32 1.56
N GLU B 69 14.03 5.29 1.29
CA GLU B 69 13.07 5.80 2.28
C GLU B 69 11.84 4.95 2.56
N ASN B 70 11.68 3.84 1.86
CA ASN B 70 10.49 3.05 2.05
C ASN B 70 10.87 1.59 2.05
N HIS B 71 11.52 1.18 3.14
CA HIS B 71 12.01 -0.19 3.37
C HIS B 71 12.46 -0.96 2.13
N ASN B 72 12.85 -0.24 1.09
CA ASN B 72 13.31 -0.91 -0.12
C ASN B 72 12.14 -1.43 -0.94
N HIS B 73 11.13 -0.59 -1.08
CA HIS B 73 9.96 -0.92 -1.88
C HIS B 73 9.65 0.39 -2.60
N HIS B 74 10.13 0.53 -3.85
CA HIS B 74 9.88 1.76 -4.60
C HIS B 74 8.40 1.79 -4.98
N ASN B 75 7.80 0.61 -5.09
CA ASN B 75 6.37 0.45 -5.37
C ASN B 75 5.84 1.07 -6.66
N GLU B 76 6.37 0.62 -7.80
CA GLU B 76 5.99 1.13 -9.10
C GLU B 76 4.72 0.53 -9.66
N ARG B 77 3.86 1.37 -10.25
CA ARG B 77 2.65 0.90 -10.88
C ARG B 77 2.54 1.56 -12.23
N MET B 78 1.81 0.93 -13.13
CA MET B 78 1.59 1.49 -14.46
C MET B 78 0.20 2.07 -14.32
N LEU B 79 0.09 3.37 -14.52
CA LEU B 79 -1.18 4.04 -14.40
C LEU B 79 -1.40 4.98 -15.58
N PHE B 80 -2.66 5.32 -15.84
CA PHE B 80 -2.99 6.22 -16.94
C PHE B 80 -3.01 7.68 -16.50
N HIS B 81 -2.82 8.59 -17.45
CA HIS B 81 -2.84 10.03 -17.18
C HIS B 81 -3.47 10.85 -18.31
N GLY B 82 -4.47 11.64 -17.96
CA GLY B 82 -5.14 12.48 -18.94
C GLY B 82 -5.00 13.94 -18.54
N SER B 83 -4.65 14.79 -19.51
CA SER B 83 -4.52 16.22 -19.26
C SER B 83 -4.25 16.92 -20.61
N PRO B 84 -4.65 18.20 -20.72
CA PRO B 84 -4.45 18.94 -21.96
C PRO B 84 -3.00 19.33 -22.22
N PHE B 85 -2.08 18.71 -21.52
CA PHE B 85 -0.67 19.09 -21.66
C PHE B 85 0.28 17.95 -22.01
N ILE B 86 -0.27 16.84 -22.46
CA ILE B 86 0.53 15.70 -22.81
C ILE B 86 1.76 16.08 -23.61
N ASN B 87 1.56 16.89 -24.63
CA ASN B 87 2.67 17.29 -25.50
C ASN B 87 3.85 17.89 -24.75
N ALA B 88 3.56 18.69 -23.74
CA ALA B 88 4.61 19.29 -22.96
C ALA B 88 5.29 18.20 -22.12
N ILE B 89 4.50 17.33 -21.50
CA ILE B 89 5.01 16.26 -20.68
C ILE B 89 5.99 15.32 -21.39
N ILE B 90 5.65 14.87 -22.60
CA ILE B 90 6.55 13.94 -23.30
C ILE B 90 7.88 14.56 -23.73
N HIS B 91 8.02 15.87 -23.58
CA HIS B 91 9.26 16.52 -23.96
C HIS B 91 9.98 17.08 -22.73
N LYS B 92 9.21 17.62 -21.81
CA LYS B 92 9.81 18.21 -20.62
C LYS B 92 9.67 17.32 -19.39
N GLY B 93 8.72 16.38 -19.43
CA GLY B 93 8.48 15.50 -18.31
C GLY B 93 7.37 16.09 -17.48
N PHE B 94 6.94 15.37 -16.44
CA PHE B 94 5.88 15.84 -15.55
C PHE B 94 6.39 16.99 -14.67
N ASP B 95 5.55 17.96 -14.38
CA ASP B 95 5.97 19.09 -13.58
C ASP B 95 4.93 19.63 -12.62
N GLU B 96 5.30 19.54 -11.34
CA GLU B 96 4.53 19.94 -10.18
C GLU B 96 4.10 21.39 -10.21
N ARG B 97 4.92 22.20 -10.87
CA ARG B 97 4.68 23.62 -10.95
C ARG B 97 3.56 23.98 -11.87
N HIS B 98 3.23 23.05 -12.74
CA HIS B 98 2.14 23.25 -13.67
C HIS B 98 0.89 22.50 -13.11
N ALA B 99 0.82 22.37 -11.79
CA ALA B 99 -0.29 21.69 -11.16
C ALA B 99 -1.28 22.74 -10.68
N TYR B 100 -2.54 22.65 -11.00
CA TYR B 100 -3.37 23.72 -10.48
C TYR B 100 -4.75 23.36 -9.95
N GLY B 103 -9.01 21.96 -9.75
CA GLY B 103 -9.58 21.32 -8.58
C GLY B 103 -9.41 19.81 -8.65
N MET B 104 -9.94 19.08 -7.64
CA MET B 104 -9.84 17.61 -7.64
C MET B 104 -9.74 16.80 -6.34
N PHE B 105 -8.52 16.69 -5.81
CA PHE B 105 -8.23 15.92 -4.61
C PHE B 105 -6.79 16.29 -4.41
N GLY B 106 -6.46 17.40 -5.04
CA GLY B 106 -5.12 17.92 -4.94
C GLY B 106 -4.83 18.85 -6.09
N ALA B 107 -3.58 19.28 -6.09
CA ALA B 107 -3.07 20.13 -7.11
C ALA B 107 -1.79 19.40 -7.19
N GLY B 108 -1.88 18.22 -7.79
CA GLY B 108 -0.73 17.39 -7.98
C GLY B 108 -0.95 16.84 -9.36
N ILE B 109 -0.27 15.76 -9.67
CA ILE B 109 -0.46 15.14 -10.96
C ILE B 109 -1.29 13.91 -10.69
N TYR B 110 -2.40 13.82 -11.42
CA TYR B 110 -3.36 12.75 -11.26
C TYR B 110 -3.15 11.57 -12.18
N PHE B 111 -3.35 10.38 -11.63
CA PHE B 111 -3.21 9.15 -12.37
C PHE B 111 -4.35 8.26 -12.00
N ALA B 112 -4.66 7.29 -12.86
CA ALA B 112 -5.76 6.38 -12.59
C ALA B 112 -5.50 5.03 -13.18
N GLU B 113 -6.08 4.02 -12.57
CA GLU B 113 -5.92 2.69 -13.09
C GLU B 113 -6.97 2.43 -14.17
N ASN B 114 -8.01 3.25 -14.21
CA ASN B 114 -9.02 3.09 -15.26
C ASN B 114 -8.80 4.17 -16.28
N SER B 115 -8.60 3.77 -17.52
CA SER B 115 -8.37 4.71 -18.60
C SER B 115 -9.57 5.64 -18.79
N SER B 116 -10.76 5.16 -18.49
CA SER B 116 -11.96 5.98 -18.66
C SER B 116 -11.99 7.17 -17.73
N LYS B 117 -11.22 7.10 -16.65
CA LYS B 117 -11.19 8.22 -15.71
C LYS B 117 -10.23 9.29 -16.21
N SER B 118 -9.11 8.87 -16.80
CA SER B 118 -8.13 9.83 -17.30
C SER B 118 -8.70 10.52 -18.53
N ASN B 119 -9.57 9.81 -19.23
CA ASN B 119 -10.21 10.33 -20.42
C ASN B 119 -11.08 11.54 -20.04
N GLN B 120 -11.49 11.58 -18.76
CA GLN B 120 -12.30 12.68 -18.22
C GLN B 120 -11.44 13.90 -17.99
N TYR B 121 -10.14 13.78 -18.21
CA TYR B 121 -9.20 14.87 -17.97
C TYR B 121 -8.49 15.40 -19.20
N VAL B 122 -8.69 14.74 -20.32
CA VAL B 122 -8.05 15.14 -21.56
C VAL B 122 -8.30 16.61 -21.91
N TYR B 123 -9.51 17.11 -21.70
CA TYR B 123 -9.82 18.50 -22.02
C TYR B 123 -9.93 19.43 -20.82
N GLY B 124 -9.34 19.01 -19.70
CA GLY B 124 -9.40 19.82 -18.50
C GLY B 124 -10.28 19.22 -17.42
N ILE B 125 -10.47 19.97 -16.34
CA ILE B 125 -11.27 19.57 -15.17
C ILE B 125 -12.78 19.41 -15.44
N GLY B 126 -13.25 18.16 -15.45
CA GLY B 126 -14.66 17.89 -15.67
C GLY B 126 -14.95 17.69 -17.14
N GLY B 127 -13.95 17.99 -17.96
CA GLY B 127 -14.11 17.86 -19.40
C GLY B 127 -14.08 19.23 -20.03
N GLY B 128 -13.68 20.21 -19.23
CA GLY B 128 -13.60 21.58 -19.70
C GLY B 128 -14.66 21.94 -20.73
N THR B 129 -14.24 22.57 -21.82
CA THR B 129 -15.16 22.98 -22.86
C THR B 129 -15.10 22.14 -24.15
N GLY B 130 -14.64 20.89 -24.01
CA GLY B 130 -14.60 19.94 -25.12
C GLY B 130 -13.51 19.97 -26.16
N CYS B 131 -13.81 19.44 -27.33
CA CYS B 131 -12.82 19.46 -28.39
C CYS B 131 -12.70 20.93 -28.66
N PRO B 132 -11.48 21.40 -28.82
CA PRO B 132 -11.24 22.81 -29.09
C PRO B 132 -12.04 23.15 -30.35
N THR B 133 -12.01 22.26 -31.33
CA THR B 133 -12.69 22.45 -32.60
C THR B 133 -14.24 22.37 -32.66
N HIS B 134 -14.84 21.39 -32.00
CA HIS B 134 -16.30 21.24 -32.00
C HIS B 134 -16.85 21.52 -30.58
N LYS B 135 -16.03 22.13 -29.72
CA LYS B 135 -16.39 22.42 -28.31
C LYS B 135 -17.29 21.32 -27.67
N ASP B 136 -16.99 20.03 -27.97
CA ASP B 136 -17.77 18.88 -27.47
C ASP B 136 -17.01 17.89 -26.55
N ARG B 137 -17.70 17.33 -25.54
CA ARG B 137 -17.07 16.39 -24.62
C ARG B 137 -17.19 14.97 -25.12
N SER B 138 -18.02 14.76 -26.13
CA SER B 138 -18.18 13.43 -26.69
C SER B 138 -17.76 13.38 -28.14
N CYS B 139 -16.81 14.21 -28.53
CA CYS B 139 -16.40 14.19 -29.92
C CYS B 139 -15.84 12.81 -30.29
N TYR B 140 -16.31 12.29 -31.42
CA TYR B 140 -15.89 10.99 -31.93
C TYR B 140 -14.94 11.20 -33.11
N ILE B 141 -14.77 12.47 -33.45
CA ILE B 141 -13.95 12.87 -34.57
C ILE B 141 -12.51 13.17 -34.18
N CYS B 142 -12.34 14.02 -33.18
CA CYS B 142 -11.00 14.43 -32.74
C CYS B 142 -10.14 13.35 -32.03
N HIS B 143 -8.87 13.24 -32.44
CA HIS B 143 -7.97 12.25 -31.84
C HIS B 143 -7.50 12.66 -30.44
N ARG B 144 -7.75 11.80 -29.46
CA ARG B 144 -7.35 12.08 -28.10
C ARG B 144 -6.06 11.38 -27.80
N GLN B 145 -5.34 11.93 -26.83
CA GLN B 145 -4.07 11.40 -26.39
C GLN B 145 -4.08 11.15 -24.88
N MET B 146 -3.47 10.04 -24.46
CA MET B 146 -3.33 9.78 -23.05
C MET B 146 -2.04 9.00 -22.85
N LEU B 147 -1.57 8.94 -21.61
CA LEU B 147 -0.33 8.27 -21.29
C LEU B 147 -0.45 7.12 -20.31
N PHE B 148 0.25 6.02 -20.59
CA PHE B 148 0.26 4.90 -19.69
C PHE B 148 1.64 5.09 -19.06
N CYS B 149 1.70 5.39 -17.77
CA CYS B 149 2.99 5.66 -17.18
C CYS B 149 3.51 4.81 -16.03
N ARG B 150 4.83 4.89 -15.87
CA ARG B 150 5.53 4.22 -14.77
C ARG B 150 5.34 5.23 -13.65
N VAL B 151 4.75 4.83 -12.55
CA VAL B 151 4.60 5.77 -11.47
C VAL B 151 5.19 5.23 -10.20
N THR B 152 6.14 5.97 -9.65
CA THR B 152 6.78 5.57 -8.40
C THR B 152 5.88 5.99 -7.25
N LEU B 153 5.18 5.03 -6.66
CA LEU B 153 4.28 5.33 -5.57
C LEU B 153 4.86 5.34 -4.16
N GLY B 154 5.96 4.63 -3.91
CA GLY B 154 6.52 4.63 -2.57
C GLY B 154 5.42 4.23 -1.59
N LYS B 155 5.31 4.88 -0.43
CA LYS B 155 4.25 4.54 0.52
C LYS B 155 3.08 5.49 0.19
N SER B 156 1.86 4.98 0.24
CA SER B 156 0.72 5.83 -0.13
C SER B 156 -0.20 6.35 0.95
N PHE B 157 -0.43 7.66 0.97
CA PHE B 157 -1.34 8.21 1.96
C PHE B 157 -2.78 8.05 1.46
N LEU B 158 -3.66 7.60 2.33
CA LEU B 158 -5.07 7.40 2.00
C LEU B 158 -5.90 8.39 2.77
N GLN B 159 -6.45 9.37 2.08
CA GLN B 159 -7.24 10.38 2.75
C GLN B 159 -8.70 10.05 2.67
N PHE B 160 -9.39 10.43 3.73
CA PHE B 160 -10.83 10.24 3.83
C PHE B 160 -11.35 11.65 4.01
N SER B 161 -10.67 12.43 4.85
CA SER B 161 -11.04 13.81 5.13
C SER B 161 -11.18 14.60 3.83
N THR B 162 -11.27 15.92 3.96
CA THR B 162 -11.44 16.80 2.79
C THR B 162 -10.19 17.14 1.94
N MET B 163 -9.38 18.05 2.48
CA MET B 163 -8.13 18.66 1.98
C MET B 163 -7.28 18.44 0.70
N LYS B 164 -6.80 19.58 0.23
CA LYS B 164 -5.90 19.73 -0.91
C LYS B 164 -4.58 19.71 -0.17
N MET B 165 -3.69 18.81 -0.57
CA MET B 165 -2.40 18.75 0.08
C MET B 165 -1.48 19.19 -1.03
N ALA B 166 -0.36 19.79 -0.69
CA ALA B 166 0.57 20.27 -1.70
C ALA B 166 1.73 19.32 -1.82
N HIS B 167 1.71 18.33 -0.95
CA HIS B 167 2.79 17.40 -0.86
C HIS B 167 2.23 16.17 -0.26
N ALA B 168 3.08 15.15 -0.20
CA ALA B 168 2.62 13.97 0.46
C ALA B 168 2.88 14.23 1.92
N PRO B 169 2.15 13.52 2.78
CA PRO B 169 2.19 13.55 4.24
C PRO B 169 3.53 12.91 4.61
N PRO B 170 4.04 13.17 5.81
CA PRO B 170 5.33 12.60 6.24
C PRO B 170 5.42 11.09 6.16
N GLY B 171 6.53 10.59 5.64
CA GLY B 171 6.73 9.15 5.53
C GLY B 171 5.99 8.50 4.39
N HIS B 172 5.34 9.32 3.57
CA HIS B 172 4.59 8.82 2.43
C HIS B 172 5.15 9.43 1.17
N HIS B 173 4.81 8.86 0.01
CA HIS B 173 5.35 9.38 -1.24
C HIS B 173 4.29 9.59 -2.28
N SER B 174 3.05 9.33 -1.91
CA SER B 174 1.96 9.49 -2.85
C SER B 174 0.68 9.54 -2.07
N VAL B 175 -0.41 9.61 -2.79
CA VAL B 175 -1.70 9.66 -2.15
C VAL B 175 -2.69 8.95 -3.02
N ILE B 176 -3.51 8.11 -2.41
CA ILE B 176 -4.52 7.41 -3.17
C ILE B 176 -5.85 7.92 -2.74
N GLY B 177 -6.83 7.75 -3.62
CA GLY B 177 -8.17 8.20 -3.32
C GLY B 177 -9.21 7.18 -3.76
N ARG B 178 -9.72 6.45 -2.76
CA ARG B 178 -10.73 5.40 -2.93
C ARG B 178 -10.39 4.32 -3.96
N TYR B 186 -13.23 2.14 -8.49
CA TYR B 186 -11.83 2.02 -8.91
C TYR B 186 -10.93 3.27 -8.50
N ALA B 187 -9.65 3.04 -8.15
CA ALA B 187 -8.65 4.03 -7.62
C ALA B 187 -7.96 5.27 -8.31
N GLU B 188 -7.85 6.41 -7.59
CA GLU B 188 -7.18 7.64 -8.09
C GLU B 188 -5.85 7.94 -7.36
N TYR B 189 -4.74 7.92 -8.10
CA TYR B 189 -3.42 8.16 -7.51
C TYR B 189 -2.86 9.55 -7.77
N VAL B 190 -2.21 10.11 -6.74
CA VAL B 190 -1.64 11.43 -6.84
C VAL B 190 -0.21 11.47 -6.34
N ILE B 191 0.65 12.13 -7.09
CA ILE B 191 2.05 12.29 -6.70
C ILE B 191 2.32 13.79 -6.72
N TYR B 192 3.30 14.24 -5.95
CA TYR B 192 3.59 15.67 -5.88
C TYR B 192 4.99 16.05 -6.34
N ARG B 193 5.62 15.14 -7.07
CA ARG B 193 6.95 15.38 -7.62
C ARG B 193 6.92 14.77 -9.02
N GLY B 194 7.12 15.61 -10.03
CA GLY B 194 7.10 15.17 -11.41
C GLY B 194 8.04 14.03 -11.77
N GLU B 195 9.14 13.86 -11.06
CA GLU B 195 10.08 12.79 -11.39
C GLU B 195 9.61 11.42 -10.94
N GLN B 196 8.52 11.36 -10.18
CA GLN B 196 8.01 10.08 -9.70
C GLN B 196 7.14 9.37 -10.74
N ALA B 197 7.15 9.90 -11.97
CA ALA B 197 6.37 9.31 -13.06
C ALA B 197 7.14 9.44 -14.38
N TYR B 198 7.03 8.44 -15.23
CA TYR B 198 7.70 8.46 -16.52
C TYR B 198 6.68 8.12 -17.59
N PRO B 199 6.46 9.05 -18.56
CA PRO B 199 5.51 8.86 -19.67
C PRO B 199 5.95 7.78 -20.65
N GLU B 200 5.80 6.51 -20.27
CA GLU B 200 6.24 5.43 -21.13
C GLU B 200 5.48 5.28 -22.46
N TYR B 201 4.15 5.28 -22.47
CA TYR B 201 3.41 5.12 -23.73
C TYR B 201 2.45 6.27 -24.08
N LEU B 202 2.55 6.75 -25.31
CA LEU B 202 1.68 7.81 -25.81
C LEU B 202 0.64 7.13 -26.68
N ILE B 203 -0.59 7.13 -26.18
CA ILE B 203 -1.70 6.50 -26.85
C ILE B 203 -2.56 7.57 -27.52
N THR B 204 -2.76 7.39 -28.81
CA THR B 204 -3.57 8.32 -29.59
C THR B 204 -4.78 7.51 -29.89
N TYR B 205 -5.95 8.05 -29.57
CA TYR B 205 -7.15 7.27 -29.78
C TYR B 205 -8.41 8.11 -29.95
N GLN B 206 -9.52 7.41 -30.11
CA GLN B 206 -10.82 8.04 -30.26
C GLN B 206 -11.77 7.23 -29.42
N ILE B 207 -12.85 7.86 -28.97
CA ILE B 207 -13.87 7.17 -28.22
C ILE B 207 -14.92 6.81 -29.28
N MET B 208 -15.36 5.56 -29.28
CA MET B 208 -16.33 5.11 -30.25
C MET B 208 -17.77 5.21 -29.80
N LYS B 209 -18.63 5.47 -30.79
CA LYS B 209 -20.06 5.60 -30.60
C LYS B 209 -20.68 4.28 -30.19
N PRO B 210 -21.64 4.31 -29.27
CA PRO B 210 -22.24 3.03 -28.92
C PRO B 210 -23.08 2.72 -30.12
N GLU B 211 -23.40 1.45 -30.33
CA GLU B 211 -24.15 1.08 -31.52
C GLU B 211 -25.60 0.78 -31.63
N HIS B 212 -25.67 -0.10 -32.68
CA HIS B 212 -26.66 -0.85 -33.47
C HIS B 212 -27.47 0.09 -34.32
#